data_6RS3
#
_entry.id   6RS3
#
_entity_poly.entity_id   1
_entity_poly.type   'polydeoxyribonucleotide'
_entity_poly.pdbx_seq_one_letter_code
;(DG)(DG)(DG)(DA)(DT)(DG)(DG)(DG)(DA)(DC)(DA)(DC)(DA)(GF2)(GF2)(DG)(DG)(DA)(DC)
(DG)(DG)(DG)
;
_entity_poly.pdbx_strand_id   A
#
loop_
_chem_comp.id
_chem_comp.type
_chem_comp.name
_chem_comp.formula
DA DNA linking 2'-DEOXYADENOSINE-5'-MONOPHOSPHATE 'C10 H14 N5 O6 P'
DC DNA linking 2'-DEOXYCYTIDINE-5'-MONOPHOSPHATE 'C9 H14 N3 O7 P'
DG DNA linking 2'-DEOXYGUANOSINE-5'-MONOPHOSPHATE 'C10 H14 N5 O7 P'
DT DNA linking THYMIDINE-5'-MONOPHOSPHATE 'C10 H15 N2 O8 P'
GF2 DNA linking '2'-deoxy-2'-fluoroguanosine 5'-(dihydrogen phosphate)' 'C10 H13 F N5 O7 P'
#
# COMPACT_ATOMS: atom_id res chain seq x y z
F GF2 A 14 1.91 0.65 -3.10
P GF2 A 14 1.77 -6.26 -4.22
N1 GF2 A 14 -3.70 -2.05 -0.65
C2 GF2 A 14 -2.39 -2.40 -0.65
N2 GF2 A 14 -1.96 -3.23 0.25
N3 GF2 A 14 -1.50 -2.01 -1.55
C4 GF2 A 14 -2.03 -1.22 -2.52
C5 GF2 A 14 -3.34 -0.83 -2.65
C6 GF2 A 14 -4.26 -1.25 -1.63
O6 GF2 A 14 -5.47 -1.01 -1.55
N7 GF2 A 14 -3.52 -0.06 -3.80
C8 GF2 A 14 -2.31 0.01 -4.31
N9 GF2 A 14 -1.34 -0.64 -3.57
C1' GF2 A 14 0.11 -0.74 -3.85
OP2 GF2 A 14 2.75 -6.78 -3.25
C2' GF2 A 14 0.97 -0.26 -2.65
OP1 GF2 A 14 1.81 -6.76 -5.62
C3' GF2 A 14 1.62 -1.55 -2.13
O3' GF2 A 14 2.88 -1.35 -1.53
C4' GF2 A 14 1.69 -2.37 -3.41
O4' GF2 A 14 0.50 -2.09 -4.13
C5' GF2 A 14 1.82 -3.88 -3.09
O5' GF2 A 14 1.92 -4.65 -4.27
HN1 GF2 A 14 -4.33 -2.37 0.07
HN2 GF2 A 14 -2.59 -3.62 0.96
HN2A GF2 A 14 -0.99 -3.49 0.23
H8 GF2 A 14 -2.08 0.55 -5.22
H1' GF2 A 14 0.36 -0.11 -4.71
H2' GF2 A 14 0.34 0.20 -1.88
H3' GF2 A 14 0.93 -2.03 -1.43
H4' GF2 A 14 2.55 -2.05 -3.98
H5' GF2 A 14 2.71 -4.04 -2.48
H5'A GF2 A 14 0.95 -4.18 -2.51
F GF2 A 15 2.73 2.77 4.98
P GF2 A 15 3.16 -1.80 -0.01
N1 GF2 A 15 -3.58 4.14 2.13
C2 GF2 A 15 -2.36 4.38 1.60
N2 GF2 A 15 -2.29 5.20 0.58
N3 GF2 A 15 -1.22 3.89 2.06
C4 GF2 A 15 -1.39 3.06 3.13
C5 GF2 A 15 -2.58 2.77 3.78
C6 GF2 A 15 -3.78 3.38 3.27
O6 GF2 A 15 -4.92 3.31 3.71
N7 GF2 A 15 -2.37 1.91 4.85
C8 GF2 A 15 -1.07 1.69 4.82
N9 GF2 A 15 -0.42 2.36 3.81
C1' GF2 A 15 1.01 2.40 3.41
OP2 GF2 A 15 2.42 -3.06 0.23
C2' GF2 A 15 2.01 1.74 4.39
OP1 GF2 A 15 4.62 -1.78 0.20
C3' GF2 A 15 2.86 0.85 3.47
O3' GF2 A 15 4.25 0.77 3.77
C4' GF2 A 15 2.62 1.51 2.11
O4' GF2 A 15 1.23 1.79 2.14
C5' GF2 A 15 3.03 0.68 0.89
O5' GF2 A 15 2.48 -0.64 0.86
HN1 GF2 A 15 -4.40 4.56 1.72
HN2 GF2 A 15 -3.13 5.59 0.14
HN2A GF2 A 15 -1.38 5.38 0.19
H8 GF2 A 15 -0.57 1.05 5.53
H1' GF2 A 15 1.28 3.45 3.32
H2' GF2 A 15 1.52 1.14 5.15
H3' GF2 A 15 2.42 -0.15 3.44
H4' GF2 A 15 3.17 2.45 2.07
H5' GF2 A 15 2.73 1.20 -0.02
H5'A GF2 A 15 4.12 0.62 0.90
F GF2 A 14 1.70 0.65 -2.69
P GF2 A 14 1.45 -6.10 -4.29
N1 GF2 A 14 -3.88 -2.00 -0.31
C2 GF2 A 14 -2.58 -2.40 -0.30
N2 GF2 A 14 -2.18 -3.21 0.65
N3 GF2 A 14 -1.68 -2.07 -1.21
C4 GF2 A 14 -2.18 -1.27 -2.20
C5 GF2 A 14 -3.48 -0.83 -2.32
C6 GF2 A 14 -4.42 -1.21 -1.30
O6 GF2 A 14 -5.61 -0.93 -1.22
N7 GF2 A 14 -3.64 -0.08 -3.48
C8 GF2 A 14 -2.43 -0.02 -3.97
N9 GF2 A 14 -1.48 -0.69 -3.24
C1' GF2 A 14 -0.01 -0.80 -3.49
OP2 GF2 A 14 2.36 -6.87 -3.40
C2' GF2 A 14 0.85 -0.37 -2.29
OP1 GF2 A 14 1.25 -6.55 -5.69
C3' GF2 A 14 1.62 -1.64 -1.93
O3' GF2 A 14 2.92 -1.41 -1.42
C4' GF2 A 14 1.65 -2.35 -3.28
O4' GF2 A 14 0.35 -2.14 -3.81
C5' GF2 A 14 2.03 -3.83 -3.09
O5' GF2 A 14 1.92 -4.57 -4.30
HN1 GF2 A 14 -4.49 -2.26 0.46
HN2 GF2 A 14 -2.79 -3.47 1.41
HN2A GF2 A 14 -1.23 -3.52 0.63
H8 GF2 A 14 -2.19 0.53 -4.88
H1' GF2 A 14 0.23 -0.16 -4.34
H2' GF2 A 14 0.23 -0.04 -1.45
H3' GF2 A 14 1.01 -2.23 -1.24
H4' GF2 A 14 2.40 -1.87 -3.91
H5' GF2 A 14 3.05 -3.90 -2.72
H5'A GF2 A 14 1.37 -4.25 -2.33
F GF2 A 15 2.83 3.20 4.64
P GF2 A 15 3.30 -1.77 0.09
N1 GF2 A 15 -3.57 4.57 2.07
C2 GF2 A 15 -2.37 4.74 1.46
N2 GF2 A 15 -2.33 5.53 0.41
N3 GF2 A 15 -1.23 4.20 1.86
C4 GF2 A 15 -1.37 3.40 2.96
C5 GF2 A 15 -2.53 3.17 3.66
C6 GF2 A 15 -3.73 3.82 3.21
O6 GF2 A 15 -4.84 3.81 3.74
N7 GF2 A 15 -2.29 2.30 4.73
C8 GF2 A 15 -1.02 2.03 4.62
N9 GF2 A 15 -0.38 2.68 3.59
C1' GF2 A 15 1.05 2.70 3.18
OP2 GF2 A 15 2.64 -3.05 0.44
C2' GF2 A 15 2.05 2.13 4.21
OP1 GF2 A 15 4.77 -1.66 0.23
C3' GF2 A 15 2.85 1.11 3.39
O3' GF2 A 15 4.22 0.90 3.73
C4' GF2 A 15 2.66 1.67 1.98
O4' GF2 A 15 1.28 1.99 1.96
C5' GF2 A 15 3.09 0.75 0.84
O5' GF2 A 15 2.60 -0.58 0.94
HN1 GF2 A 15 -4.40 5.01 1.70
HN2 GF2 A 15 -3.17 5.93 0.02
HN2A GF2 A 15 -1.44 5.63 -0.05
H8 GF2 A 15 -0.50 1.36 5.30
H1' GF2 A 15 1.31 3.74 3.00
H2' GF2 A 15 1.57 1.65 5.05
H3' GF2 A 15 2.32 0.15 3.44
H4' GF2 A 15 3.24 2.59 1.91
H5' GF2 A 15 2.77 1.19 -0.11
H5'A GF2 A 15 4.18 0.73 0.84
F GF2 A 14 1.93 0.93 -2.40
P GF2 A 14 2.03 -5.60 -4.38
N1 GF2 A 14 -3.56 -2.05 -0.31
C2 GF2 A 14 -2.24 -2.38 -0.23
N2 GF2 A 14 -1.85 -3.15 0.75
N3 GF2 A 14 -1.31 -1.99 -1.10
C4 GF2 A 14 -1.82 -1.24 -2.13
C5 GF2 A 14 -3.14 -0.90 -2.32
C6 GF2 A 14 -4.10 -1.31 -1.33
O6 GF2 A 14 -5.30 -1.06 -1.29
N7 GF2 A 14 -3.28 -0.20 -3.52
C8 GF2 A 14 -2.06 -0.07 -3.96
N9 GF2 A 14 -1.10 -0.64 -3.14
C1' GF2 A 14 0.37 -0.63 -3.31
OP2 GF2 A 14 2.24 -6.54 -3.25
C2' GF2 A 14 1.13 -0.15 -2.06
OP1 GF2 A 14 2.45 -6.01 -5.74
C3' GF2 A 14 1.97 -1.37 -1.65
O3' GF2 A 14 3.24 -1.05 -1.11
C4' GF2 A 14 2.11 -2.09 -2.98
O4' GF2 A 14 0.85 -1.93 -3.63
C5' GF2 A 14 2.51 -3.56 -2.78
O5' GF2 A 14 2.75 -4.21 -4.03
HN1 GF2 A 14 -4.19 -2.34 0.42
HN2 GF2 A 14 -2.50 -3.50 1.43
HN2A GF2 A 14 -0.88 -3.40 0.77
H8 GF2 A 14 -1.81 0.46 -4.87
H1' GF2 A 14 0.63 0.04 -4.13
H2' GF2 A 14 0.45 0.13 -1.25
H3' GF2 A 14 1.38 -1.99 -0.97
H4' GF2 A 14 2.89 -1.59 -3.56
H5' GF2 A 14 3.42 -3.61 -2.17
H5'A GF2 A 14 1.70 -4.06 -2.23
F GF2 A 15 2.81 3.61 4.83
P GF2 A 15 3.61 -1.38 0.41
N1 GF2 A 15 -3.70 4.25 2.05
C2 GF2 A 15 -2.51 4.57 1.50
N2 GF2 A 15 -2.50 5.34 0.45
N3 GF2 A 15 -1.34 4.17 1.97
C4 GF2 A 15 -1.44 3.37 3.08
C5 GF2 A 15 -2.60 3.00 3.71
C6 GF2 A 15 -3.84 3.50 3.19
O6 GF2 A 15 -4.97 3.35 3.65
N7 GF2 A 15 -2.32 2.18 4.82
C8 GF2 A 15 -1.00 2.08 4.79
N9 GF2 A 15 -0.41 2.78 3.76
C1' GF2 A 15 1.03 2.97 3.41
OP2 GF2 A 15 3.03 -2.70 0.76
C2' GF2 A 15 2.06 2.49 4.46
OP1 GF2 A 15 5.07 -1.18 0.57
C3' GF2 A 15 2.89 1.47 3.67
O3' GF2 A 15 4.24 1.27 4.07
C4' GF2 A 15 2.73 2.03 2.27
O4' GF2 A 15 1.35 2.30 2.19
C5' GF2 A 15 3.25 1.12 1.13
O5' GF2 A 15 2.83 -0.23 1.22
HN1 GF2 A 15 -4.55 4.62 1.63
HN2 GF2 A 15 -3.36 5.66 0.01
HN2A GF2 A 15 -1.61 5.56 0.04
H8 GF2 A 15 -0.45 1.50 5.51
H1' GF2 A 15 1.18 4.04 3.26
H2' GF2 A 15 1.60 2.04 5.33
H3' GF2 A 15 2.35 0.51 3.70
H4' GF2 A 15 3.29 2.97 2.21
H5' GF2 A 15 2.93 1.54 0.17
H5'A GF2 A 15 4.34 1.16 1.17
F GF2 A 14 2.17 0.73 -3.12
P GF2 A 14 1.79 -6.10 -4.56
N1 GF2 A 14 -3.52 -2.25 -0.95
C2 GF2 A 14 -2.22 -2.62 -1.00
N2 GF2 A 14 -1.82 -3.57 -0.19
N3 GF2 A 14 -1.33 -2.13 -1.83
C4 GF2 A 14 -1.85 -1.19 -2.68
C5 GF2 A 14 -3.16 -0.77 -2.74
C6 GF2 A 14 -4.08 -1.32 -1.79
O6 GF2 A 14 -5.27 -1.06 -1.65
N7 GF2 A 14 -3.33 0.16 -3.78
C8 GF2 A 14 -2.13 0.31 -4.25
N9 GF2 A 14 -1.16 -0.45 -3.62
C1' GF2 A 14 0.30 -0.52 -3.92
OP2 GF2 A 14 2.79 -6.63 -3.61
C2' GF2 A 14 1.17 -0.14 -2.71
OP1 GF2 A 14 1.81 -6.57 -5.97
C3' GF2 A 14 1.76 -1.49 -2.27
O3' GF2 A 14 3.02 -1.41 -1.63
C4' GF2 A 14 1.81 -2.24 -3.60
O4' GF2 A 14 0.65 -1.83 -4.33
C5' GF2 A 14 1.86 -3.76 -3.36
O5' GF2 A 14 1.89 -4.49 -4.58
HN1 GF2 A 14 -4.14 -2.67 -0.27
HN2 GF2 A 14 -2.45 -4.00 0.48
HN2A GF2 A 14 -0.85 -3.85 -0.24
H8 GF2 A 14 -1.90 0.98 -5.08
H1' GF2 A 14 0.52 0.17 -4.73
H2' GF2 A 14 0.58 0.30 -1.91
H3' GF2 A 14 1.04 -1.98 -1.61
H4' GF2 A 14 2.71 -1.94 -4.13
H5' GF2 A 14 2.73 -4.00 -2.76
H5'A GF2 A 14 0.97 -4.04 -2.79
F GF2 A 15 2.67 2.48 4.85
P GF2 A 15 3.23 -2.00 -0.15
N1 GF2 A 15 -3.60 4.22 2.11
C2 GF2 A 15 -2.38 4.41 1.54
N2 GF2 A 15 -2.30 5.24 0.54
N3 GF2 A 15 -1.26 3.81 1.94
C4 GF2 A 15 -1.47 2.92 2.97
C5 GF2 A 15 -2.66 2.67 3.61
C6 GF2 A 15 -3.81 3.42 3.20
O6 GF2 A 15 -4.93 3.42 3.71
N7 GF2 A 15 -2.48 1.73 4.62
C8 GF2 A 15 -1.21 1.42 4.55
N9 GF2 A 15 -0.52 2.14 3.58
C1' GF2 A 15 0.93 2.19 3.28
OP2 GF2 A 15 2.45 -3.26 -0.03
C2' GF2 A 15 1.84 1.51 4.32
OP1 GF2 A 15 4.68 -2.03 0.13
C3' GF2 A 15 2.63 0.49 3.47
O3' GF2 A 15 3.92 0.16 3.93
C4' GF2 A 15 2.60 1.20 2.12
O4' GF2 A 15 1.25 1.60 2.01
C5' GF2 A 15 3.11 0.40 0.92
O5' GF2 A 15 2.53 -0.88 0.79
HN1 GF2 A 15 -4.42 4.64 1.70
HN2 GF2 A 15 -3.13 5.68 0.15
HN2A GF2 A 15 -1.40 5.35 0.11
H8 GF2 A 15 -0.76 0.69 5.20
H1' GF2 A 15 1.21 3.24 3.23
H2' GF2 A 15 1.30 0.99 5.10
H3' GF2 A 15 2.02 -0.43 3.37
H4' GF2 A 15 3.23 2.10 2.20
H5' GF2 A 15 2.94 0.98 0.01
H5'A GF2 A 15 4.19 0.30 1.05
F GF2 A 14 1.92 0.59 -2.56
P GF2 A 14 1.85 -6.06 -4.11
N1 GF2 A 14 -3.58 -2.21 -0.10
C2 GF2 A 14 -2.28 -2.57 -0.07
N2 GF2 A 14 -1.87 -3.35 0.89
N3 GF2 A 14 -1.37 -2.22 -0.98
C4 GF2 A 14 -1.89 -1.46 -2.00
C5 GF2 A 14 -3.21 -1.10 -2.14
C6 GF2 A 14 -4.15 -1.47 -1.11
O6 GF2 A 14 -5.35 -1.21 -1.05
N7 GF2 A 14 -3.38 -0.39 -3.33
C8 GF2 A 14 -2.18 -0.31 -3.82
N9 GF2 A 14 -1.22 -0.91 -3.05
C1' GF2 A 14 0.26 -0.95 -3.29
OP2 GF2 A 14 1.95 -6.91 -2.90
C2' GF2 A 14 1.08 -0.41 -2.10
OP1 GF2 A 14 2.37 -6.57 -5.41
C3' GF2 A 14 1.85 -1.64 -1.62
O3' GF2 A 14 3.15 -1.33 -1.12
C4' GF2 A 14 1.95 -2.46 -2.91
O4' GF2 A 14 0.69 -2.28 -3.55
C5' GF2 A 14 2.29 -3.92 -2.62
O5' GF2 A 14 2.55 -4.63 -3.81
HN1 GF2 A 14 -4.20 -2.47 0.66
HN2 GF2 A 14 -2.48 -3.62 1.64
HN2A GF2 A 14 -0.91 -3.64 0.89
H8 GF2 A 14 -1.96 0.21 -4.75
H1' GF2 A 14 0.49 -0.34 -4.17
H2' GF2 A 14 0.43 -0.03 -1.31
H3' GF2 A 14 1.25 -2.19 -0.91
H4' GF2 A 14 2.74 -2.03 -3.54
H5' GF2 A 14 3.15 -3.98 -1.96
H5'A GF2 A 14 1.43 -4.36 -2.08
F GF2 A 15 2.87 3.64 4.55
P GF2 A 15 3.52 -1.60 0.42
N1 GF2 A 15 -3.65 4.43 1.85
C2 GF2 A 15 -2.46 4.66 1.25
N2 GF2 A 15 -2.45 5.37 0.15
N3 GF2 A 15 -1.29 4.24 1.70
C4 GF2 A 15 -1.39 3.49 2.84
C5 GF2 A 15 -2.55 3.22 3.54
C6 GF2 A 15 -3.77 3.77 3.05
O6 GF2 A 15 -4.88 3.75 3.57
N7 GF2 A 15 -2.26 2.43 4.66
C8 GF2 A 15 -0.97 2.25 4.59
N9 GF2 A 15 -0.37 2.88 3.53
C1' GF2 A 15 1.07 3.00 3.16
OP2 GF2 A 15 2.91 -2.88 0.84
C2' GF2 A 15 2.07 2.55 4.25
OP1 GF2 A 15 4.99 -1.42 0.56
C3' GF2 A 15 2.85 1.43 3.55
O3' GF2 A 15 4.19 1.20 3.96
C4' GF2 A 15 2.75 1.92 2.11
O4' GF2 A 15 1.37 2.23 2.00
C5' GF2 A 15 3.22 0.94 1.03
O5' GF2 A 15 2.77 -0.39 1.18
HN1 GF2 A 15 -4.51 4.74 1.41
HN2 GF2 A 15 -3.31 5.70 -0.29
HN2A GF2 A 15 -1.57 5.54 -0.30
H8 GF2 A 15 -0.43 1.65 5.31
H1' GF2 A 15 1.26 4.05 2.94
H2' GF2 A 15 1.59 2.17 5.15
H3' GF2 A 15 2.28 0.51 3.63
H4' GF2 A 15 3.33 2.84 2.01
H5' GF2 A 15 2.93 1.32 0.04
H5'A GF2 A 15 4.32 0.95 1.06
F GF2 A 14 1.63 0.86 -2.39
P GF2 A 14 1.60 -5.99 -3.18
N1 GF2 A 14 -3.75 -2.06 -0.33
C2 GF2 A 14 -2.46 -2.46 -0.36
N2 GF2 A 14 -2.04 -3.30 0.55
N3 GF2 A 14 -1.57 -2.06 -1.26
C4 GF2 A 14 -2.09 -1.21 -2.19
C5 GF2 A 14 -3.40 -0.81 -2.29
C6 GF2 A 14 -4.32 -1.24 -1.28
O6 GF2 A 14 -5.51 -0.97 -1.16
N7 GF2 A 14 -3.59 0.00 -3.42
C8 GF2 A 14 -2.38 0.11 -3.90
N9 GF2 A 14 -1.41 -0.56 -3.21
C1' GF2 A 14 0.05 -0.58 -3.46
OP2 GF2 A 14 1.14 -6.70 -1.97
C2' GF2 A 14 0.91 -0.31 -2.20
OP1 GF2 A 14 2.92 -6.37 -3.76
C3' GF2 A 14 1.84 -1.54 -2.12
O3' GF2 A 14 3.17 -1.24 -1.73
C4' GF2 A 14 1.80 -2.03 -3.57
O4' GF2 A 14 0.47 -1.82 -4.00
C5' GF2 A 14 2.27 -3.49 -3.76
O5' GF2 A 14 1.63 -4.40 -2.88
HN1 GF2 A 14 -4.36 -2.35 0.44
HN2 GF2 A 14 -2.64 -3.60 1.31
HN2A GF2 A 14 -1.09 -3.61 0.50
H8 GF2 A 14 -2.16 0.70 -4.79
H1' GF2 A 14 0.28 0.20 -4.18
H2' GF2 A 14 0.31 -0.23 -1.31
H3' GF2 A 14 1.38 -2.29 -1.48
H4' GF2 A 14 2.46 -1.39 -4.17
H5' GF2 A 14 2.07 -3.77 -4.80
H5'A GF2 A 14 3.35 -3.53 -3.60
F GF2 A 15 3.20 3.71 4.14
P GF2 A 15 3.63 -1.38 -0.19
N1 GF2 A 15 -3.51 4.49 1.89
C2 GF2 A 15 -2.32 4.73 1.27
N2 GF2 A 15 -2.33 5.52 0.22
N3 GF2 A 15 -1.14 4.26 1.68
C4 GF2 A 15 -1.25 3.46 2.78
C5 GF2 A 15 -2.40 3.15 3.48
C6 GF2 A 15 -3.62 3.74 3.03
O6 GF2 A 15 -4.73 3.67 3.56
N7 GF2 A 15 -2.10 2.32 4.56
C8 GF2 A 15 -0.81 2.15 4.46
N9 GF2 A 15 -0.22 2.82 3.42
C1' GF2 A 15 1.22 2.93 3.05
OP2 GF2 A 15 3.13 -2.66 0.34
C2' GF2 A 15 2.17 2.78 4.24
OP1 GF2 A 15 5.09 -1.11 -0.15
C3' GF2 A 15 2.69 1.36 4.04
O3' GF2 A 15 3.92 1.02 4.64
C4' GF2 A 15 2.77 1.33 2.51
O4' GF2 A 15 1.54 1.92 2.10
C5' GF2 A 15 2.98 -0.09 2.00
O5' GF2 A 15 2.89 -0.18 0.59
HN1 GF2 A 15 -4.36 4.92 1.54
HN2 GF2 A 15 -3.20 5.88 -0.16
HN2A GF2 A 15 -1.47 5.69 -0.25
H8 GF2 A 15 -0.25 1.53 5.16
H1' GF2 A 15 1.38 3.92 2.60
H2' GF2 A 15 1.67 2.90 5.20
H3' GF2 A 15 1.91 0.66 4.35
H4' GF2 A 15 3.60 1.96 2.19
H5' GF2 A 15 3.98 -0.41 2.33
H5'A GF2 A 15 2.25 -0.75 2.46
F GF2 A 14 2.02 0.84 -3.32
P GF2 A 14 1.96 -6.07 -4.32
N1 GF2 A 14 -3.60 -2.03 -0.81
C2 GF2 A 14 -2.30 -2.43 -0.88
N2 GF2 A 14 -1.90 -3.36 -0.05
N3 GF2 A 14 -1.44 -1.99 -1.77
C4 GF2 A 14 -1.95 -1.08 -2.64
C5 GF2 A 14 -3.26 -0.65 -2.68
C6 GF2 A 14 -4.18 -1.15 -1.70
O6 GF2 A 14 -5.37 -0.89 -1.57
N7 GF2 A 14 -3.45 0.24 -3.76
C8 GF2 A 14 -2.26 0.35 -4.28
N9 GF2 A 14 -1.28 -0.39 -3.64
C1' GF2 A 14 0.16 -0.48 -3.98
OP2 GF2 A 14 3.12 -6.36 -3.45
C2' GF2 A 14 1.06 -0.03 -2.81
OP1 GF2 A 14 1.91 -6.67 -5.67
C3' GF2 A 14 1.67 -1.33 -2.33
O3' GF2 A 14 2.95 -1.16 -1.75
C4' GF2 A 14 1.70 -2.16 -3.61
O4' GF2 A 14 0.51 -1.82 -4.32
C5' GF2 A 14 1.79 -3.66 -3.30
O5' GF2 A 14 1.82 -4.46 -4.46
HN1 GF2 A 14 -4.20 -2.39 -0.09
HN2 GF2 A 14 -2.52 -3.74 0.65
HN2A GF2 A 14 -0.94 -3.66 -0.13
H8 GF2 A 14 -2.05 0.98 -5.13
H1' GF2 A 14 0.35 0.16 -4.84
H2' GF2 A 14 0.49 0.46 -2.03
H3' GF2 A 14 0.99 -1.79 -1.61
H4' GF2 A 14 2.57 -1.86 -4.19
H5' GF2 A 14 2.70 -3.83 -2.72
H5'A GF2 A 14 0.94 -3.93 -2.67
F GF2 A 15 1.98 1.42 5.61
P GF2 A 15 3.25 -1.72 -0.27
N1 GF2 A 15 -3.62 4.24 2.31
C2 GF2 A 15 -2.39 4.32 1.73
N2 GF2 A 15 -2.28 5.10 0.69
N3 GF2 A 15 -1.31 3.70 2.18
C4 GF2 A 15 -1.55 2.90 3.26
C5 GF2 A 15 -2.76 2.76 3.91
C6 GF2 A 15 -3.89 3.49 3.43
O6 GF2 A 15 -5.02 3.53 3.90
N7 GF2 A 15 -2.64 1.86 4.98
C8 GF2 A 15 -1.39 1.50 4.93
N9 GF2 A 15 -0.66 2.09 3.92
C1' GF2 A 15 0.79 1.95 3.61
OP2 GF2 A 15 2.63 -3.06 -0.15
C2' GF2 A 15 1.48 0.86 4.45
OP1 GF2 A 15 4.72 -1.61 -0.06
C3' GF2 A 15 2.55 0.26 3.51
O3' GF2 A 15 3.84 0.23 4.11
C4' GF2 A 15 2.46 1.19 2.30
O4' GF2 A 15 1.09 1.57 2.27
C5' GF2 A 15 2.97 0.60 0.98
O5' GF2 A 15 2.47 -0.71 0.71
HN1 GF2 A 15 -4.42 4.68 1.87
HN2 GF2 A 15 -3.06 5.62 0.31
HN2A GF2 A 15 -1.38 5.14 0.23
H8 GF2 A 15 -0.96 0.81 5.64
H1' GF2 A 15 1.28 2.90 3.82
H2' GF2 A 15 0.78 0.07 4.70
H3' GF2 A 15 2.22 -0.73 3.20
H4' GF2 A 15 3.05 2.08 2.51
H5' GF2 A 15 2.71 1.27 0.16
H5'A GF2 A 15 4.06 0.56 1.05
F GF2 A 14 1.72 1.01 -2.41
P GF2 A 14 2.15 -5.76 -3.31
N1 GF2 A 14 -3.67 -2.23 -0.75
C2 GF2 A 14 -2.36 -2.56 -0.75
N2 GF2 A 14 -1.94 -3.46 0.10
N3 GF2 A 14 -1.45 -2.05 -1.58
C4 GF2 A 14 -1.98 -1.17 -2.47
C5 GF2 A 14 -3.31 -0.82 -2.60
C6 GF2 A 14 -4.24 -1.37 -1.65
O6 GF2 A 14 -5.45 -1.17 -1.57
N7 GF2 A 14 -3.49 0.05 -3.67
C8 GF2 A 14 -2.27 0.26 -4.10
N9 GF2 A 14 -1.29 -0.42 -3.41
C1' GF2 A 14 0.18 -0.38 -3.60
OP2 GF2 A 14 1.93 -6.50 -2.04
C2' GF2 A 14 0.96 -0.15 -2.29
OP1 GF2 A 14 3.44 -5.96 -4.04
C3' GF2 A 14 1.85 -1.40 -2.18
O3' GF2 A 14 3.14 -1.15 -1.61
C4' GF2 A 14 1.95 -1.80 -3.65
O4' GF2 A 14 0.65 -1.59 -4.16
C5' GF2 A 14 2.50 -3.21 -3.91
O5' GF2 A 14 1.93 -4.19 -3.04
HN1 GF2 A 14 -4.29 -2.62 -0.05
HN2 GF2 A 14 -2.56 -3.88 0.78
HN2A GF2 A 14 -0.97 -3.72 0.06
H8 GF2 A 14 -2.05 0.92 -4.93
H1' GF2 A 14 0.41 0.43 -4.28
H2' GF2 A 14 0.32 -0.07 -1.43
H3' GF2 A 14 1.32 -2.17 -1.63
H4' GF2 A 14 2.63 -1.09 -4.14
H5' GF2 A 14 2.29 -3.47 -4.94
H5'A GF2 A 14 3.58 -3.19 -3.76
F GF2 A 15 2.42 2.59 5.11
P GF2 A 15 3.47 -1.56 -0.10
N1 GF2 A 15 -3.72 4.21 2.06
C2 GF2 A 15 -2.49 4.43 1.54
N2 GF2 A 15 -2.41 5.28 0.54
N3 GF2 A 15 -1.36 3.89 1.99
C4 GF2 A 15 -1.57 3.02 3.02
C5 GF2 A 15 -2.77 2.73 3.63
C6 GF2 A 15 -3.94 3.40 3.15
O6 GF2 A 15 -5.08 3.35 3.59
N7 GF2 A 15 -2.59 1.81 4.66
C8 GF2 A 15 -1.30 1.56 4.63
N9 GF2 A 15 -0.61 2.27 3.68
C1' GF2 A 15 0.84 2.34 3.39
OP2 GF2 A 15 2.92 -2.91 0.17
C2' GF2 A 15 1.77 1.61 4.38
OP1 GF2 A 15 4.92 -1.34 0.11
C3' GF2 A 15 2.70 0.80 3.46
O3' GF2 A 15 4.05 0.64 3.87
C4' GF2 A 15 2.55 1.57 2.15
O4' GF2 A 15 1.16 1.81 2.11
C5' GF2 A 15 3.08 0.85 0.90
O5' GF2 A 15 2.65 -0.50 0.79
HN1 GF2 A 15 -4.53 4.64 1.65
HN2 GF2 A 15 -3.23 5.70 0.13
HN2A GF2 A 15 -1.50 5.44 0.13
H8 GF2 A 15 -0.84 0.87 5.32
H1' GF2 A 15 1.11 3.39 3.39
H2' GF2 A 15 1.24 0.93 5.04
H3' GF2 A 15 2.24 -0.17 3.31
H4' GF2 A 15 3.08 2.52 2.23
H5' GF2 A 15 2.78 1.41 0.02
H5'A GF2 A 15 4.16 0.88 0.97
F GF2 A 14 1.90 0.79 -3.02
P GF2 A 14 1.70 -6.07 -4.32
N1 GF2 A 14 -3.56 -2.32 -0.67
C2 GF2 A 14 -2.28 -2.74 -0.78
N2 GF2 A 14 -1.86 -3.68 0.01
N3 GF2 A 14 -1.41 -2.27 -1.67
C4 GF2 A 14 -1.95 -1.32 -2.50
C5 GF2 A 14 -3.24 -0.87 -2.49
C6 GF2 A 14 -4.14 -1.38 -1.49
O6 GF2 A 14 -5.31 -1.10 -1.31
N7 GF2 A 14 -3.44 0.03 -3.55
C8 GF2 A 14 -2.26 0.13 -4.09
N9 GF2 A 14 -1.29 -0.62 -3.48
C1' GF2 A 14 0.17 -0.67 -3.78
OP2 GF2 A 14 1.78 -6.73 -2.99
C2' GF2 A 14 1.00 -0.17 -2.59
OP1 GF2 A 14 2.38 -6.69 -5.48
C3' GF2 A 14 1.72 -1.44 -2.09
O3' GF2 A 14 3.01 -1.18 -1.56
C4' GF2 A 14 1.77 -2.28 -3.37
O4' GF2 A 14 0.59 -1.99 -4.11
C5' GF2 A 14 1.89 -3.78 -3.03
O5' GF2 A 14 2.22 -4.55 -4.17
HN1 GF2 A 14 -4.15 -2.69 0.06
HN2 GF2 A 14 -2.46 -4.07 0.74
HN2A GF2 A 14 -0.92 -4.02 -0.11
H8 GF2 A 14 -2.06 0.79 -4.94
H1' GF2 A 14 0.37 -0.02 -4.63
H2' GF2 A 14 0.37 0.24 -1.79
H3' GF2 A 14 1.09 -1.94 -1.36
H4' GF2 A 14 2.66 -1.98 -3.94
H5' GF2 A 14 2.65 -3.93 -2.26
H5'A GF2 A 14 0.93 -4.09 -2.62
F GF2 A 15 2.22 2.55 5.14
P GF2 A 15 3.39 -1.62 -0.08
N1 GF2 A 15 -3.84 4.37 2.16
C2 GF2 A 15 -2.60 4.54 1.62
N2 GF2 A 15 -2.49 5.38 0.61
N3 GF2 A 15 -1.50 3.95 2.05
C4 GF2 A 15 -1.73 3.07 3.09
C5 GF2 A 15 -2.92 2.84 3.72
C6 GF2 A 15 -4.07 3.57 3.25
O6 GF2 A 15 -5.21 3.59 3.72
N7 GF2 A 15 -2.77 1.91 4.75
C8 GF2 A 15 -1.50 1.61 4.69
N9 GF2 A 15 -0.79 2.29 3.72
C1' GF2 A 15 0.65 2.29 3.40
OP2 GF2 A 15 2.90 -2.99 0.14
C2' GF2 A 15 1.58 1.57 4.39
OP1 GF2 A 15 4.84 -1.35 0.11
C3' GF2 A 15 2.52 0.76 3.49
O3' GF2 A 15 3.89 0.65 3.88
C4' GF2 A 15 2.35 1.50 2.16
O4' GF2 A 15 0.95 1.73 2.12
C5' GF2 A 15 2.89 0.78 0.92
O5' GF2 A 15 2.54 -0.60 0.85
HN1 GF2 A 15 -4.65 4.81 1.75
HN2 GF2 A 15 -3.31 5.81 0.20
HN2A GF2 A 15 -1.59 5.50 0.20
H8 GF2 A 15 -1.04 0.89 5.37
H1' GF2 A 15 0.96 3.33 3.37
H2' GF2 A 15 1.04 0.89 5.05
H3' GF2 A 15 2.10 -0.23 3.36
H4' GF2 A 15 2.87 2.46 2.23
H5' GF2 A 15 2.55 1.29 0.02
H5'A GF2 A 15 3.98 0.86 0.96
F GF2 A 14 1.90 0.62 -2.67
P GF2 A 14 1.78 -5.90 -5.12
N1 GF2 A 14 -3.55 -2.42 -0.48
C2 GF2 A 14 -2.23 -2.67 -0.47
N2 GF2 A 14 -1.74 -3.43 0.49
N3 GF2 A 14 -1.36 -2.20 -1.37
C4 GF2 A 14 -1.94 -1.43 -2.33
C5 GF2 A 14 -3.29 -1.15 -2.44
C6 GF2 A 14 -4.17 -1.66 -1.44
O6 GF2 A 14 -5.39 -1.51 -1.34
N7 GF2 A 14 -3.53 -0.35 -3.57
C8 GF2 A 14 -2.33 -0.14 -4.05
N9 GF2 A 14 -1.31 -0.75 -3.35
C1' GF2 A 14 0.15 -0.67 -3.62
OP2 GF2 A 14 2.79 -6.64 -4.34
C2' GF2 A 14 1.01 -0.39 -2.38
OP1 GF2 A 14 1.70 -6.12 -6.59
C3' GF2 A 14 1.72 -1.73 -2.14
O3' GF2 A 14 2.99 -1.61 -1.52
C4' GF2 A 14 1.81 -2.27 -3.56
O4' GF2 A 14 0.60 -1.90 -4.19
C5' GF2 A 14 2.01 -3.80 -3.56
O5' GF2 A 14 1.99 -4.33 -4.87
HN1 GF2 A 14 -4.14 -2.78 0.25
HN2 GF2 A 14 -2.32 -3.77 1.24
HN2A GF2 A 14 -0.75 -3.59 0.49
H8 GF2 A 14 -2.14 0.47 -4.93
H1' GF2 A 14 0.32 0.13 -4.35
H2' GF2 A 14 0.40 -0.11 -1.52
H3' GF2 A 14 1.07 -2.39 -1.56
H4' GF2 A 14 2.66 -1.80 -4.06
H5' GF2 A 14 2.96 -4.04 -3.07
H5'A GF2 A 14 1.21 -4.24 -2.97
F GF2 A 15 2.68 3.04 4.60
P GF2 A 15 3.18 -1.95 0.04
N1 GF2 A 15 -3.62 4.32 1.70
C2 GF2 A 15 -2.39 4.51 1.14
N2 GF2 A 15 -2.31 5.24 0.07
N3 GF2 A 15 -1.26 4.01 1.61
C4 GF2 A 15 -1.44 3.24 2.72
C5 GF2 A 15 -2.63 3.00 3.37
C6 GF2 A 15 -3.82 3.59 2.85
O6 GF2 A 15 -4.96 3.54 3.31
N7 GF2 A 15 -2.41 2.17 4.48
C8 GF2 A 15 -1.14 1.92 4.44
N9 GF2 A 15 -0.46 2.55 3.41
C1' GF2 A 15 0.97 2.55 3.04
OP2 GF2 A 15 2.39 -3.17 0.36
C2' GF2 A 15 1.94 1.98 4.09
OP1 GF2 A 15 4.63 -1.95 0.33
C3' GF2 A 15 2.79 0.98 3.29
O3' GF2 A 15 4.16 0.87 3.66
C4' GF2 A 15 2.61 1.53 1.88
O4' GF2 A 15 1.23 1.84 1.84
C5' GF2 A 15 3.06 0.60 0.75
O5' GF2 A 15 2.49 -0.70 0.80
HN1 GF2 A 15 -4.45 4.65 1.21
HN2 GF2 A 15 -3.14 5.63 -0.37
HN2A GF2 A 15 -1.40 5.36 -0.35
H8 GF2 A 15 -0.64 1.28 5.16
H1' GF2 A 15 1.25 3.59 2.87
H2' GF2 A 15 1.43 1.46 4.90
H3' GF2 A 15 2.31 0.00 3.33
H4' GF2 A 15 3.19 2.45 1.79
H5' GF2 A 15 2.84 1.06 -0.21
H5'A GF2 A 15 4.15 0.50 0.82
#